data_8Z78
#
_entry.id   8Z78
#
_cell.length_a   31.478
_cell.length_b   91.697
_cell.length_c   64.646
_cell.angle_alpha   90.000
_cell.angle_beta   90.000
_cell.angle_gamma   90.000
#
_symmetry.space_group_name_H-M   'P 1 21 1'
#
loop_
_entity.id
_entity.type
_entity.pdbx_description
1 polymer 'Procerain B'
2 water water
#
_entity_poly.entity_id   1
_entity_poly.type   'polypeptide(L)'
_entity_poly.pdbx_seq_one_letter_code
;MSFVLFLSFLLFVSAVTCFSTNWRSDEEVIALYEEWLAKHQKLHSSLRENIEIEIFKDNLRYIDEQNNYNKFNHKNFTLG
LNQFADLTLDEFSSIYLGTSIEYDPIISSNPNHHGEEEDILQEGAIELPNSVDWREKDVVFPIRNQGQCGS(OCS)WTFS
AVASIETLIGIKEDRMIALSEQELLDCERTSYGCKGGYYTDAFAYVAKKGLTSREKYPYIFQQGQCYQKEKVVKISGYRR
IPKNDEKKLQSVVAQQVVSVGVKSKSRDFQHYRSGVFSGACGPRVDHAVNIVGYGSEGGVNYWIVRNSWGTNWGENGYMR
IPRNSNQSGGYCGIAVQAAYPVY
;
_entity_poly.pdbx_strand_id   A,B
#
# COMPACT_ATOMS: atom_id res chain seq x y z
N PRO A 129 9.00 10.56 -23.44
CA PRO A 129 9.15 9.49 -24.43
C PRO A 129 8.10 9.59 -25.52
N ASN A 130 8.49 9.41 -26.78
CA ASN A 130 7.54 9.56 -27.87
C ASN A 130 6.46 8.49 -27.83
N SER A 131 6.74 7.35 -27.22
CA SER A 131 5.78 6.25 -27.19
C SER A 131 5.93 5.47 -25.88
N VAL A 132 4.80 4.99 -25.38
CA VAL A 132 4.73 4.25 -24.12
C VAL A 132 3.74 3.11 -24.29
N ASP A 133 4.12 1.89 -23.87
CA ASP A 133 3.18 0.77 -23.94
C ASP A 133 3.53 -0.20 -22.81
N TRP A 134 2.82 -0.09 -21.68
CA TRP A 134 3.08 -0.95 -20.54
C TRP A 134 2.70 -2.41 -20.80
N ARG A 135 1.89 -2.69 -21.81
CA ARG A 135 1.61 -4.08 -22.17
C ARG A 135 2.88 -4.83 -22.53
N GLU A 136 3.88 -4.12 -23.06
CA GLU A 136 5.16 -4.68 -23.46
C GLU A 136 6.20 -4.64 -22.33
N LYS A 137 5.79 -4.24 -21.12
CA LYS A 137 6.70 -4.07 -20.00
C LYS A 137 6.41 -5.03 -18.85
N ASP A 138 5.66 -6.12 -19.12
CA ASP A 138 5.49 -7.22 -18.17
C ASP A 138 4.77 -6.81 -16.90
N VAL A 139 3.89 -5.81 -16.97
CA VAL A 139 3.21 -5.33 -15.77
C VAL A 139 1.71 -5.19 -15.99
N VAL A 140 1.21 -5.67 -17.14
CA VAL A 140 -0.21 -5.59 -17.45
C VAL A 140 -0.74 -7.00 -17.71
N PHE A 141 -1.79 -7.38 -16.97
CA PHE A 141 -2.45 -8.67 -17.10
C PHE A 141 -3.36 -8.71 -18.33
N PRO A 142 -3.77 -9.91 -18.76
CA PRO A 142 -4.64 -10.01 -19.93
C PRO A 142 -5.96 -9.29 -19.74
N ILE A 143 -6.55 -8.90 -20.87
CA ILE A 143 -7.88 -8.30 -20.90
C ILE A 143 -8.87 -9.22 -20.19
N ARG A 144 -9.75 -8.61 -19.40
CA ARG A 144 -10.82 -9.32 -18.70
C ARG A 144 -12.18 -8.83 -19.20
N ASN A 145 -13.23 -9.52 -18.77
CA ASN A 145 -14.59 -9.23 -19.22
C ASN A 145 -15.49 -9.05 -18.00
N GLN A 146 -16.08 -7.87 -17.88
CA GLN A 146 -16.99 -7.59 -16.77
C GLN A 146 -18.36 -8.22 -16.96
N GLY A 147 -18.72 -8.59 -18.18
CA GLY A 147 -20.03 -9.12 -18.44
C GLY A 147 -21.08 -8.03 -18.50
N GLN A 148 -22.24 -8.29 -17.90
CA GLN A 148 -23.31 -7.29 -17.87
C GLN A 148 -23.15 -6.35 -16.69
N CYS A 149 -22.67 -6.86 -15.55
CA CYS A 149 -22.52 -6.06 -14.35
C CYS A 149 -21.74 -4.78 -14.63
N GLY A 150 -22.26 -3.67 -14.11
CA GLY A 150 -21.63 -2.36 -14.26
C GLY A 150 -20.49 -2.20 -13.28
N SER A 151 -19.52 -3.10 -13.37
CA SER A 151 -18.41 -3.18 -12.44
C SER A 151 -17.12 -2.62 -13.03
N OCS A 152 -17.21 -1.94 -14.16
CA OCS A 152 -16.05 -1.39 -14.86
CB OCS A 152 -16.51 -0.55 -16.07
SG OCS A 152 -17.99 0.44 -15.80
C OCS A 152 -15.17 -0.53 -13.94
O OCS A 152 -13.96 -0.42 -14.15
OD1 OCS A 152 -19.15 -0.48 -15.72
OD2 OCS A 152 -17.75 1.17 -14.53
OD3 OCS A 152 -18.10 1.31 -16.98
N TRP A 153 -15.78 0.09 -12.94
CA TRP A 153 -15.02 0.91 -12.00
C TRP A 153 -14.11 0.02 -11.15
N THR A 154 -14.55 -1.20 -10.83
CA THR A 154 -13.69 -2.12 -10.09
C THR A 154 -12.58 -2.66 -10.98
N PHE A 155 -12.89 -3.00 -12.23
CA PHE A 155 -11.86 -3.43 -13.18
C PHE A 155 -10.85 -2.32 -13.44
N SER A 156 -11.33 -1.10 -13.63
CA SER A 156 -10.42 0.02 -13.89
C SER A 156 -9.49 0.22 -12.69
N ALA A 157 -10.04 0.20 -11.48
CA ALA A 157 -9.23 0.40 -10.29
C ALA A 157 -8.24 -0.76 -10.10
N VAL A 158 -8.69 -2.00 -10.32
CA VAL A 158 -7.80 -3.13 -10.18
C VAL A 158 -6.66 -3.05 -11.18
N ALA A 159 -6.98 -2.73 -12.44
CA ALA A 159 -5.94 -2.68 -13.47
C ALA A 159 -4.86 -1.67 -13.13
N SER A 160 -5.26 -0.51 -12.61
CA SER A 160 -4.28 0.52 -12.27
C SER A 160 -3.39 0.09 -11.11
N ILE A 161 -3.95 -0.61 -10.13
CA ILE A 161 -3.15 -1.03 -8.97
C ILE A 161 -2.21 -2.16 -9.35
N GLU A 162 -2.71 -3.15 -10.09
CA GLU A 162 -1.86 -4.28 -10.51
C GLU A 162 -0.61 -3.78 -11.22
N THR A 163 -0.76 -2.81 -12.12
CA THR A 163 0.40 -2.31 -12.85
C THR A 163 1.33 -1.54 -11.94
N LEU A 164 0.78 -0.76 -11.02
CA LEU A 164 1.60 -0.03 -10.07
C LEU A 164 2.46 -0.99 -9.25
N ILE A 165 1.88 -2.10 -8.81
CA ILE A 165 2.64 -3.09 -8.05
C ILE A 165 3.72 -3.71 -8.92
N GLY A 166 3.40 -3.97 -10.19
CA GLY A 166 4.39 -4.51 -11.11
C GLY A 166 5.57 -3.58 -11.30
N ILE A 167 5.30 -2.28 -11.48
CA ILE A 167 6.36 -1.31 -11.68
C ILE A 167 7.17 -1.13 -10.40
N LYS A 168 6.50 -1.02 -9.26
CA LYS A 168 7.15 -0.65 -8.01
C LYS A 168 7.90 -1.82 -7.36
N GLU A 169 7.41 -3.04 -7.52
CA GLU A 169 7.97 -4.19 -6.83
C GLU A 169 8.47 -5.29 -7.74
N ASP A 170 8.33 -5.14 -9.06
CA ASP A 170 8.67 -6.18 -10.01
C ASP A 170 7.99 -7.50 -9.62
N ARG A 171 6.69 -7.38 -9.34
CA ARG A 171 5.89 -8.51 -8.91
C ARG A 171 4.51 -8.38 -9.55
N MET A 172 4.12 -9.39 -10.32
CA MET A 172 2.84 -9.42 -11.00
C MET A 172 1.84 -10.21 -10.15
N ILE A 173 0.81 -9.54 -9.66
CA ILE A 173 -0.14 -10.17 -8.75
C ILE A 173 -1.54 -9.72 -9.14
N ALA A 174 -2.39 -10.67 -9.50
CA ALA A 174 -3.73 -10.37 -10.00
C ALA A 174 -4.66 -10.10 -8.81
N LEU A 175 -5.36 -8.97 -8.85
CA LEU A 175 -6.16 -8.50 -7.73
C LEU A 175 -7.65 -8.65 -7.99
N SER A 176 -8.43 -8.53 -6.93
CA SER A 176 -9.84 -8.94 -6.91
C SER A 176 -10.75 -7.75 -7.21
N GLU A 177 -11.35 -7.73 -8.39
CA GLU A 177 -12.45 -6.79 -8.63
C GLU A 177 -13.61 -7.07 -7.69
N GLN A 178 -13.84 -8.35 -7.37
CA GLN A 178 -15.03 -8.74 -6.63
C GLN A 178 -15.06 -8.11 -5.24
N GLU A 179 -13.90 -7.98 -4.60
CA GLU A 179 -13.88 -7.36 -3.27
C GLU A 179 -14.38 -5.93 -3.33
N LEU A 180 -13.90 -5.16 -4.31
CA LEU A 180 -14.39 -3.79 -4.48
C LEU A 180 -15.88 -3.78 -4.76
N LEU A 181 -16.33 -4.65 -5.66
CA LEU A 181 -17.74 -4.67 -6.02
C LEU A 181 -18.62 -4.94 -4.80
N ASP A 182 -18.20 -5.86 -3.94
CA ASP A 182 -18.98 -6.25 -2.79
C ASP A 182 -18.77 -5.35 -1.58
N CYS A 183 -17.57 -4.77 -1.41
CA CYS A 183 -17.19 -4.17 -0.14
C CYS A 183 -17.03 -2.66 -0.16
N GLU A 184 -16.75 -2.06 -1.31
CA GLU A 184 -16.58 -0.61 -1.39
C GLU A 184 -17.96 0.06 -1.25
N ARG A 185 -18.12 0.89 -0.21
CA ARG A 185 -19.45 1.34 0.20
C ARG A 185 -19.93 2.64 -0.42
N THR A 186 -19.12 3.35 -1.21
CA THR A 186 -19.68 4.53 -1.87
C THR A 186 -20.29 4.22 -3.22
N SER A 187 -20.03 3.03 -3.76
CA SER A 187 -20.43 2.73 -5.12
C SER A 187 -21.78 2.03 -5.10
N TYR A 188 -22.26 1.68 -6.29
CA TYR A 188 -23.61 1.14 -6.47
C TYR A 188 -23.56 -0.28 -7.03
N GLY A 189 -22.47 -0.99 -6.76
CA GLY A 189 -22.36 -2.37 -7.20
C GLY A 189 -22.37 -2.47 -8.71
N CYS A 190 -23.24 -3.32 -9.23
CA CYS A 190 -23.39 -3.50 -10.67
C CYS A 190 -24.15 -2.37 -11.33
N LYS A 191 -24.47 -1.29 -10.60
CA LYS A 191 -25.09 -0.12 -11.19
C LYS A 191 -24.12 1.07 -11.22
N GLY A 192 -22.83 0.81 -11.17
CA GLY A 192 -21.81 1.84 -11.30
C GLY A 192 -21.07 2.09 -10.01
N GLY A 193 -20.03 2.91 -10.12
CA GLY A 193 -19.19 3.16 -8.96
C GLY A 193 -18.08 4.14 -9.27
N TYR A 194 -17.15 4.22 -8.33
CA TYR A 194 -16.13 5.26 -8.28
C TYR A 194 -14.77 4.59 -8.13
N TYR A 195 -13.92 4.66 -9.17
CA TYR A 195 -12.58 4.12 -8.97
C TYR A 195 -11.73 4.98 -8.03
N THR A 196 -12.03 6.27 -7.89
CA THR A 196 -11.29 7.07 -6.91
C THR A 196 -11.54 6.57 -5.50
N ASP A 197 -12.81 6.34 -5.16
CA ASP A 197 -13.15 5.80 -3.85
C ASP A 197 -12.65 4.36 -3.67
N ALA A 198 -12.57 3.61 -4.77
CA ALA A 198 -11.95 2.29 -4.73
C ALA A 198 -10.48 2.39 -4.32
N PHE A 199 -9.77 3.39 -4.84
CA PHE A 199 -8.39 3.63 -4.42
C PHE A 199 -8.32 3.94 -2.92
N ALA A 200 -9.24 4.77 -2.43
CA ALA A 200 -9.25 5.11 -1.02
C ALA A 200 -9.52 3.89 -0.16
N TYR A 201 -10.40 3.00 -0.64
CA TYR A 201 -10.68 1.75 0.06
C TYR A 201 -9.42 0.89 0.21
N VAL A 202 -8.66 0.72 -0.89
CA VAL A 202 -7.48 -0.12 -0.84
C VAL A 202 -6.40 0.49 0.05
N ALA A 203 -6.30 1.83 0.08
CA ALA A 203 -5.36 2.49 0.96
C ALA A 203 -5.70 2.25 2.43
N LYS A 204 -6.99 2.16 2.75
CA LYS A 204 -7.42 1.96 4.13
C LYS A 204 -7.54 0.49 4.52
N LYS A 205 -7.91 -0.38 3.58
CA LYS A 205 -8.30 -1.75 3.91
C LYS A 205 -7.46 -2.83 3.25
N GLY A 206 -6.63 -2.49 2.27
CA GLY A 206 -5.93 -3.51 1.51
C GLY A 206 -6.86 -4.24 0.57
N LEU A 207 -6.29 -5.08 -0.30
CA LEU A 207 -7.07 -5.78 -1.31
C LEU A 207 -6.53 -7.19 -1.47
N THR A 208 -7.44 -8.15 -1.63
CA THR A 208 -7.02 -9.54 -1.76
C THR A 208 -6.85 -9.93 -3.22
N SER A 209 -6.37 -11.15 -3.43
CA SER A 209 -6.01 -11.60 -4.76
C SER A 209 -7.25 -12.00 -5.54
N ARG A 210 -7.11 -12.01 -6.88
CA ARG A 210 -8.18 -12.55 -7.70
C ARG A 210 -8.38 -14.03 -7.42
N GLU A 211 -7.29 -14.76 -7.18
CA GLU A 211 -7.39 -16.19 -6.88
C GLU A 211 -8.19 -16.44 -5.60
N LYS A 212 -8.02 -15.58 -4.58
CA LYS A 212 -8.73 -15.77 -3.33
C LYS A 212 -10.19 -15.32 -3.39
N TYR A 213 -10.53 -14.42 -4.31
CA TYR A 213 -11.84 -13.77 -4.34
C TYR A 213 -12.22 -13.52 -5.80
N PRO A 214 -12.61 -14.58 -6.52
CA PRO A 214 -12.81 -14.45 -7.97
C PRO A 214 -14.08 -13.70 -8.31
N TYR A 215 -14.10 -13.17 -9.53
CA TYR A 215 -15.23 -12.42 -10.06
C TYR A 215 -16.37 -13.36 -10.42
N ILE A 216 -17.57 -13.06 -9.93
CA ILE A 216 -18.74 -13.89 -10.18
C ILE A 216 -19.83 -13.17 -10.97
N PHE A 217 -19.51 -12.02 -11.58
CA PHE A 217 -20.37 -11.33 -12.54
C PHE A 217 -21.64 -10.76 -11.93
N GLN A 218 -21.66 -10.63 -10.60
CA GLN A 218 -22.75 -10.01 -9.86
C GLN A 218 -22.21 -9.65 -8.49
N GLN A 219 -22.86 -8.70 -7.84
CA GLN A 219 -22.44 -8.33 -6.50
C GLN A 219 -22.92 -9.39 -5.51
N GLY A 220 -22.07 -9.70 -4.54
CA GLY A 220 -22.48 -10.63 -3.50
C GLY A 220 -22.11 -10.16 -2.12
N GLN A 221 -22.13 -11.09 -1.17
CA GLN A 221 -21.72 -10.79 0.20
C GLN A 221 -20.29 -10.26 0.24
N CYS A 222 -20.08 -9.18 0.99
CA CYS A 222 -18.75 -8.62 1.14
C CYS A 222 -17.94 -9.50 2.08
N TYR A 223 -16.85 -10.04 1.55
CA TYR A 223 -15.92 -10.85 2.31
C TYR A 223 -14.61 -10.09 2.50
N GLN A 224 -14.08 -10.12 3.72
CA GLN A 224 -12.78 -9.56 4.04
C GLN A 224 -11.84 -10.75 4.20
N LYS A 225 -11.09 -11.05 3.15
CA LYS A 225 -10.16 -12.17 3.15
C LYS A 225 -8.77 -11.65 3.48
N GLU A 226 -7.81 -12.57 3.53
CA GLU A 226 -6.42 -12.15 3.73
C GLU A 226 -6.00 -11.25 2.57
N LYS A 227 -5.54 -10.04 2.91
CA LYS A 227 -5.17 -9.07 1.89
C LYS A 227 -3.75 -9.32 1.39
N VAL A 228 -3.54 -9.05 0.11
CA VAL A 228 -2.23 -9.25 -0.49
C VAL A 228 -1.53 -7.94 -0.85
N VAL A 229 -2.28 -6.84 -1.03
CA VAL A 229 -1.71 -5.57 -1.47
C VAL A 229 -2.44 -4.40 -0.80
N LYS A 230 -1.69 -3.32 -0.57
CA LYS A 230 -2.20 -2.01 -0.21
C LYS A 230 -1.71 -0.98 -1.22
N ILE A 231 -2.20 0.25 -1.08
CA ILE A 231 -1.61 1.43 -1.70
C ILE A 231 -1.61 2.52 -0.64
N SER A 232 -0.88 3.60 -0.90
CA SER A 232 -0.86 4.68 0.08
C SER A 232 -1.90 5.76 -0.21
N GLY A 233 -2.37 5.87 -1.45
CA GLY A 233 -3.38 6.87 -1.77
C GLY A 233 -3.63 6.94 -3.26
N TYR A 234 -4.08 8.12 -3.71
CA TYR A 234 -4.36 8.34 -5.11
C TYR A 234 -4.33 9.84 -5.40
N ARG A 235 -4.30 10.17 -6.69
CA ARG A 235 -4.31 11.56 -7.13
C ARG A 235 -5.33 11.73 -8.26
N ARG A 236 -5.79 12.96 -8.41
CA ARG A 236 -6.76 13.34 -9.43
C ARG A 236 -6.04 14.23 -10.43
N ILE A 237 -6.20 13.94 -11.71
CA ILE A 237 -5.60 14.78 -12.75
C ILE A 237 -6.61 15.87 -13.10
N PRO A 238 -6.20 17.14 -13.16
CA PRO A 238 -7.16 18.22 -13.42
C PRO A 238 -7.94 17.98 -14.71
N LYS A 239 -9.19 18.42 -14.70
CA LYS A 239 -10.10 18.25 -15.83
C LYS A 239 -9.49 18.84 -17.10
N ASN A 240 -9.51 18.05 -18.17
CA ASN A 240 -9.10 18.46 -19.52
C ASN A 240 -7.60 18.65 -19.69
N ASP A 241 -6.78 18.13 -18.78
CA ASP A 241 -5.34 18.35 -18.84
C ASP A 241 -4.69 17.13 -19.46
N GLU A 242 -4.69 17.09 -20.80
CA GLU A 242 -4.09 15.97 -21.51
C GLU A 242 -2.57 16.00 -21.43
N LYS A 243 -1.99 17.18 -21.20
CA LYS A 243 -0.53 17.26 -21.05
C LYS A 243 -0.09 16.57 -19.76
N LYS A 244 -0.75 16.91 -18.65
CA LYS A 244 -0.44 16.24 -17.38
C LYS A 244 -0.83 14.78 -17.43
N LEU A 245 -1.90 14.45 -18.14
CA LEU A 245 -2.28 13.04 -18.32
C LEU A 245 -1.12 12.25 -18.93
N GLN A 246 -0.52 12.77 -20.01
CA GLN A 246 0.58 12.08 -20.66
C GLN A 246 1.76 11.90 -19.71
N SER A 247 2.02 12.90 -18.88
CA SER A 247 3.14 12.80 -17.95
C SER A 247 2.96 11.64 -17.00
N VAL A 248 1.72 11.36 -16.59
CA VAL A 248 1.49 10.29 -15.62
C VAL A 248 1.53 8.93 -16.31
N VAL A 249 0.94 8.83 -17.51
CA VAL A 249 0.93 7.57 -18.25
C VAL A 249 2.35 7.09 -18.55
N ALA A 250 3.28 8.01 -18.75
CA ALA A 250 4.67 7.62 -18.94
C ALA A 250 5.28 6.95 -17.71
N GLN A 251 4.62 7.03 -16.55
CA GLN A 251 5.12 6.38 -15.34
C GLN A 251 4.27 5.22 -14.84
N GLN A 252 2.97 5.17 -15.16
CA GLN A 252 2.10 4.14 -14.62
C GLN A 252 0.79 4.13 -15.41
N VAL A 253 -0.10 3.21 -15.06
CA VAL A 253 -1.41 3.05 -15.67
C VAL A 253 -2.41 3.96 -14.94
N VAL A 254 -3.31 4.58 -15.71
CA VAL A 254 -4.22 5.59 -15.16
C VAL A 254 -5.66 5.11 -15.38
N SER A 255 -6.52 5.41 -14.42
CA SER A 255 -7.96 5.18 -14.54
C SER A 255 -8.63 6.40 -15.16
N VAL A 256 -9.51 6.16 -16.14
CA VAL A 256 -10.19 7.25 -16.83
C VAL A 256 -11.64 6.84 -17.09
N GLY A 257 -12.46 7.83 -17.42
CA GLY A 257 -13.83 7.61 -17.83
C GLY A 257 -14.03 8.05 -19.27
N VAL A 258 -14.89 7.32 -19.99
CA VAL A 258 -15.19 7.64 -21.37
C VAL A 258 -16.70 7.60 -21.59
N LYS A 259 -17.12 8.21 -22.71
CA LYS A 259 -18.51 8.26 -23.14
C LYS A 259 -18.75 7.05 -24.06
N SER A 260 -19.14 5.92 -23.45
CA SER A 260 -19.18 4.63 -24.15
C SER A 260 -20.50 4.32 -24.83
N LYS A 261 -21.56 5.06 -24.57
CA LYS A 261 -22.90 4.67 -25.00
C LYS A 261 -23.16 5.17 -26.42
N SER A 262 -22.58 4.46 -27.39
CA SER A 262 -22.80 4.75 -28.81
C SER A 262 -22.53 3.49 -29.62
N ARG A 263 -23.21 3.39 -30.76
CA ARG A 263 -22.97 2.27 -31.67
C ARG A 263 -21.53 2.24 -32.17
N ASP A 264 -20.96 3.40 -32.49
CA ASP A 264 -19.57 3.45 -32.95
C ASP A 264 -18.61 2.88 -31.90
N PHE A 265 -18.76 3.30 -30.65
CA PHE A 265 -17.84 2.85 -29.60
C PHE A 265 -18.00 1.37 -29.34
N GLN A 266 -19.24 0.87 -29.30
CA GLN A 266 -19.49 -0.53 -29.02
C GLN A 266 -18.99 -1.43 -30.14
N HIS A 267 -18.98 -0.94 -31.38
CA HIS A 267 -18.62 -1.75 -32.53
C HIS A 267 -17.24 -1.43 -33.06
N TYR A 268 -16.45 -0.66 -32.30
CA TYR A 268 -15.07 -0.43 -32.65
C TYR A 268 -14.34 -1.75 -32.84
N ARG A 269 -13.51 -1.82 -33.88
CA ARG A 269 -12.76 -3.03 -34.19
C ARG A 269 -11.25 -2.82 -34.27
N SER A 270 -10.80 -1.75 -34.92
CA SER A 270 -9.37 -1.54 -35.12
C SER A 270 -9.14 -0.14 -35.66
N GLY A 271 -7.90 0.34 -35.53
CA GLY A 271 -7.53 1.66 -35.95
C GLY A 271 -7.59 2.65 -34.80
N VAL A 272 -7.22 3.89 -35.10
CA VAL A 272 -7.43 4.97 -34.15
C VAL A 272 -8.89 5.40 -34.25
N PHE A 273 -9.63 5.22 -33.17
CA PHE A 273 -11.07 5.47 -33.16
C PHE A 273 -11.38 6.87 -33.67
N SER A 274 -12.29 6.96 -34.66
CA SER A 274 -12.74 8.28 -35.07
C SER A 274 -14.26 8.32 -35.25
N GLY A 275 -15.00 7.49 -34.53
CA GLY A 275 -16.44 7.54 -34.55
C GLY A 275 -17.00 8.43 -33.44
N ALA A 276 -18.32 8.45 -33.35
CA ALA A 276 -19.01 9.24 -32.35
C ALA A 276 -19.02 8.54 -30.99
N CYS A 277 -18.93 9.35 -29.94
CA CYS A 277 -18.98 8.91 -28.55
C CYS A 277 -20.41 8.99 -28.00
N GLY A 278 -20.60 8.45 -26.81
CA GLY A 278 -21.82 8.64 -26.08
C GLY A 278 -21.99 10.08 -25.62
N PRO A 279 -23.17 10.40 -25.07
CA PRO A 279 -23.44 11.78 -24.62
C PRO A 279 -22.78 12.14 -23.29
N ARG A 280 -22.53 11.14 -22.45
CA ARG A 280 -22.00 11.36 -21.11
C ARG A 280 -20.92 10.34 -20.78
N VAL A 281 -20.00 10.75 -19.91
CA VAL A 281 -18.99 9.85 -19.38
C VAL A 281 -19.68 8.82 -18.50
N ASP A 282 -19.58 7.54 -18.87
CA ASP A 282 -20.35 6.54 -18.15
C ASP A 282 -19.64 5.22 -17.99
N HIS A 283 -18.37 5.12 -18.38
CA HIS A 283 -17.67 3.85 -18.45
C HIS A 283 -16.24 4.04 -17.97
N ALA A 284 -15.87 3.30 -16.93
CA ALA A 284 -14.52 3.33 -16.41
C ALA A 284 -13.62 2.40 -17.23
N VAL A 285 -12.47 2.92 -17.64
CA VAL A 285 -11.48 2.15 -18.40
C VAL A 285 -10.10 2.56 -17.89
N ASN A 286 -9.06 2.15 -18.60
CA ASN A 286 -7.69 2.50 -18.24
C ASN A 286 -6.94 2.96 -19.49
N ILE A 287 -5.98 3.85 -19.28
CA ILE A 287 -4.97 4.19 -20.28
C ILE A 287 -3.68 3.49 -19.91
N VAL A 288 -3.18 2.65 -20.80
CA VAL A 288 -1.97 1.86 -20.56
C VAL A 288 -0.81 2.30 -21.46
N GLY A 289 -0.98 3.35 -22.24
CA GLY A 289 0.14 3.88 -23.00
C GLY A 289 -0.34 4.88 -24.02
N TYR A 290 0.61 5.32 -24.85
CA TYR A 290 0.31 6.26 -25.92
C TYR A 290 1.30 6.07 -27.05
N GLY A 291 0.91 6.49 -28.24
CA GLY A 291 1.77 6.38 -29.39
C GLY A 291 1.26 7.21 -30.55
N SER A 292 1.69 6.84 -31.75
CA SER A 292 1.36 7.60 -32.94
C SER A 292 1.42 6.68 -34.16
N GLU A 293 0.42 6.80 -35.03
CA GLU A 293 0.38 6.08 -36.29
C GLU A 293 0.02 7.07 -37.39
N GLY A 294 0.85 7.12 -38.41
CA GLY A 294 0.65 8.08 -39.49
C GLY A 294 0.59 9.51 -39.01
N GLY A 295 1.30 9.83 -37.94
CA GLY A 295 1.26 11.18 -37.41
C GLY A 295 0.01 11.51 -36.62
N VAL A 296 -0.82 10.51 -36.29
CA VAL A 296 -1.99 10.73 -35.47
C VAL A 296 -1.68 10.19 -34.10
N ASN A 297 -1.70 11.08 -33.10
CA ASN A 297 -1.43 10.69 -31.73
C ASN A 297 -2.62 9.92 -31.15
N TYR A 298 -2.32 8.96 -30.28
CA TYR A 298 -3.39 8.18 -29.68
C TYR A 298 -3.01 7.77 -28.27
N TRP A 299 -4.04 7.48 -27.49
CA TRP A 299 -3.95 6.78 -26.21
C TRP A 299 -4.26 5.32 -26.44
N ILE A 300 -3.60 4.45 -25.68
CA ILE A 300 -3.93 3.02 -25.65
C ILE A 300 -4.83 2.78 -24.45
N VAL A 301 -6.08 2.37 -24.70
CA VAL A 301 -7.12 2.26 -23.70
C VAL A 301 -7.47 0.79 -23.46
N ARG A 302 -7.38 0.35 -22.22
CA ARG A 302 -7.78 -0.99 -21.80
C ARG A 302 -9.23 -0.96 -21.37
N ASN A 303 -10.05 -1.83 -21.95
CA ASN A 303 -11.46 -1.96 -21.60
C ASN A 303 -11.66 -3.31 -20.91
N SER A 304 -12.85 -3.50 -20.33
CA SER A 304 -13.19 -4.75 -19.68
C SER A 304 -14.38 -5.42 -20.37
N TRP A 305 -14.41 -5.33 -21.69
CA TRP A 305 -15.42 -5.95 -22.53
C TRP A 305 -14.93 -7.22 -23.22
N GLY A 306 -13.86 -7.83 -22.71
CA GLY A 306 -13.32 -9.02 -23.31
C GLY A 306 -12.49 -8.70 -24.54
N THR A 307 -11.88 -9.76 -25.09
CA THR A 307 -10.94 -9.63 -26.18
C THR A 307 -11.60 -9.58 -27.55
N ASN A 308 -12.92 -9.80 -27.66
CA ASN A 308 -13.60 -9.72 -28.95
C ASN A 308 -13.98 -8.29 -29.34
N TRP A 309 -13.75 -7.33 -28.47
CA TRP A 309 -14.03 -5.93 -28.74
C TRP A 309 -12.71 -5.23 -29.08
N GLY A 310 -12.77 -4.33 -30.07
CA GLY A 310 -11.62 -3.52 -30.37
C GLY A 310 -10.42 -4.35 -30.77
N GLU A 311 -9.24 -3.83 -30.46
CA GLU A 311 -7.98 -4.49 -30.80
C GLU A 311 -7.61 -5.41 -29.64
N ASN A 312 -8.12 -6.64 -29.69
CA ASN A 312 -7.88 -7.63 -28.63
C ASN A 312 -8.27 -7.09 -27.26
N GLY A 313 -9.37 -6.34 -27.22
CA GLY A 313 -9.89 -5.77 -25.99
C GLY A 313 -9.53 -4.32 -25.77
N TYR A 314 -8.65 -3.75 -26.59
CA TYR A 314 -8.13 -2.42 -26.40
C TYR A 314 -8.66 -1.49 -27.50
N MET A 315 -8.61 -0.20 -27.22
CA MET A 315 -8.92 0.83 -28.21
C MET A 315 -7.81 1.87 -28.23
N ARG A 316 -7.47 2.33 -29.44
CA ARG A 316 -6.61 3.50 -29.60
C ARG A 316 -7.51 4.72 -29.83
N ILE A 317 -7.52 5.61 -28.84
CA ILE A 317 -8.33 6.84 -28.84
C ILE A 317 -7.43 8.00 -29.22
N PRO A 318 -7.89 8.93 -30.05
CA PRO A 318 -7.07 10.11 -30.37
C PRO A 318 -6.55 10.83 -29.13
N ARG A 319 -5.29 11.26 -29.21
CA ARG A 319 -4.62 11.98 -28.15
C ARG A 319 -4.38 13.41 -28.61
N ASN A 320 -4.51 14.36 -27.69
CA ASN A 320 -4.49 15.79 -28.04
C ASN A 320 -5.57 16.11 -29.07
N SER A 321 -6.78 15.66 -28.79
CA SER A 321 -7.86 15.76 -29.77
C SER A 321 -8.55 17.11 -29.69
N ASN A 322 -9.39 17.39 -30.70
CA ASN A 322 -10.15 18.62 -30.75
C ASN A 322 -11.44 18.55 -29.94
N GLN A 323 -11.63 17.48 -29.17
CA GLN A 323 -12.71 17.39 -28.20
C GLN A 323 -12.17 17.85 -26.85
N SER A 324 -12.75 18.91 -26.28
CA SER A 324 -12.32 19.34 -24.97
C SER A 324 -12.76 18.32 -23.93
N GLY A 325 -11.87 18.03 -22.98
CA GLY A 325 -12.01 16.88 -22.13
C GLY A 325 -11.43 15.62 -22.70
N GLY A 326 -10.78 15.70 -23.86
CA GLY A 326 -10.29 14.53 -24.56
C GLY A 326 -11.37 13.89 -25.41
N TYR A 327 -10.92 13.14 -26.41
CA TYR A 327 -11.84 12.35 -27.23
C TYR A 327 -12.66 11.43 -26.33
N CYS A 328 -13.98 11.41 -26.53
CA CYS A 328 -14.91 10.68 -25.66
C CYS A 328 -14.70 11.03 -24.17
N GLY A 329 -14.25 12.26 -23.90
CA GLY A 329 -14.13 12.74 -22.53
C GLY A 329 -13.07 12.08 -21.68
N ILE A 330 -12.07 11.45 -22.30
CA ILE A 330 -11.12 10.62 -21.58
C ILE A 330 -10.30 11.39 -20.54
N ALA A 331 -10.16 12.71 -20.69
CA ALA A 331 -9.34 13.50 -19.78
C ALA A 331 -10.16 14.25 -18.74
N VAL A 332 -11.44 13.91 -18.58
CA VAL A 332 -12.35 14.68 -17.72
C VAL A 332 -12.16 14.33 -16.25
N GLN A 333 -11.93 13.06 -15.93
CA GLN A 333 -11.92 12.63 -14.54
C GLN A 333 -10.84 11.57 -14.28
N ALA A 334 -9.63 11.83 -14.78
CA ALA A 334 -8.54 10.85 -14.67
C ALA A 334 -7.95 10.80 -13.28
N ALA A 335 -7.64 9.59 -12.81
CA ALA A 335 -7.06 9.40 -11.49
C ALA A 335 -6.18 8.16 -11.48
N TYR A 336 -5.20 8.14 -10.57
CA TYR A 336 -4.22 7.07 -10.57
C TYR A 336 -3.80 6.78 -9.12
N PRO A 337 -3.47 5.53 -8.81
CA PRO A 337 -3.09 5.19 -7.44
C PRO A 337 -1.65 5.58 -7.15
N VAL A 338 -1.39 5.87 -5.88
CA VAL A 338 -0.07 6.19 -5.37
C VAL A 338 0.39 5.04 -4.49
N TYR A 339 1.58 4.53 -4.77
CA TYR A 339 2.16 3.39 -4.04
C TYR A 339 2.32 3.68 -2.56
N PRO B 129 7.80 -5.00 37.79
CA PRO B 129 6.56 -4.22 37.64
C PRO B 129 5.45 -5.05 37.04
N ASN B 130 4.24 -4.96 37.61
CA ASN B 130 3.14 -5.77 37.11
C ASN B 130 2.68 -5.31 35.73
N SER B 131 2.87 -4.03 35.42
CA SER B 131 2.40 -3.51 34.15
C SER B 131 3.31 -2.36 33.72
N VAL B 132 3.54 -2.27 32.41
CA VAL B 132 4.42 -1.27 31.81
C VAL B 132 3.75 -0.78 30.55
N ASP B 133 3.69 0.54 30.37
CA ASP B 133 3.10 1.11 29.17
C ASP B 133 3.78 2.45 28.89
N TRP B 134 4.76 2.42 27.98
CA TRP B 134 5.51 3.62 27.65
C TRP B 134 4.68 4.65 26.89
N ARG B 135 3.54 4.25 26.33
CA ARG B 135 2.63 5.23 25.72
C ARG B 135 2.16 6.24 26.76
N GLU B 136 2.05 5.83 28.02
CA GLU B 136 1.57 6.68 29.11
C GLU B 136 2.71 7.44 29.80
N LYS B 137 3.93 7.33 29.30
CA LYS B 137 5.10 7.92 29.93
C LYS B 137 5.72 9.01 29.06
N ASP B 138 4.94 9.51 28.08
CA ASP B 138 5.30 10.69 27.29
C ASP B 138 6.55 10.48 26.44
N VAL B 139 6.76 9.25 25.95
CA VAL B 139 7.95 8.92 25.16
C VAL B 139 7.62 8.17 23.88
N VAL B 140 6.34 8.00 23.55
CA VAL B 140 5.94 7.29 22.34
C VAL B 140 5.09 8.19 21.47
N PHE B 141 5.51 8.36 20.20
CA PHE B 141 4.81 9.19 19.24
C PHE B 141 3.56 8.48 18.72
N PRO B 142 2.63 9.21 18.11
CA PRO B 142 1.41 8.57 17.58
C PRO B 142 1.73 7.50 16.55
N ILE B 143 0.78 6.57 16.41
CA ILE B 143 0.85 5.52 15.39
C ILE B 143 1.02 6.12 14.00
N ARG B 144 1.89 5.49 13.20
CA ARG B 144 2.17 5.90 11.83
C ARG B 144 1.73 4.81 10.85
N ASN B 145 1.80 5.14 9.56
CA ASN B 145 1.33 4.24 8.52
C ASN B 145 2.43 4.08 7.47
N GLN B 146 2.90 2.84 7.28
CA GLN B 146 3.91 2.55 6.28
C GLN B 146 3.33 2.46 4.87
N GLY B 147 2.02 2.30 4.73
CA GLY B 147 1.41 2.15 3.42
C GLY B 147 1.62 0.75 2.86
N GLN B 148 1.92 0.67 1.56
CA GLN B 148 2.20 -0.63 0.95
C GLN B 148 3.67 -1.02 1.09
N CYS B 149 4.55 -0.03 1.00
CA CYS B 149 6.00 -0.25 1.08
C CYS B 149 6.35 -1.06 2.32
N GLY B 150 7.20 -2.07 2.12
CA GLY B 150 7.64 -2.94 3.21
C GLY B 150 8.76 -2.35 4.05
N SER B 151 8.53 -1.16 4.61
CA SER B 151 9.55 -0.43 5.35
C SER B 151 9.34 -0.50 6.86
N OCS B 152 8.56 -1.49 7.30
CA OCS B 152 8.25 -1.68 8.72
CB OCS B 152 7.40 -2.94 8.92
SG OCS B 152 7.76 -4.31 7.79
C OCS B 152 9.51 -1.75 9.57
O OCS B 152 9.52 -1.33 10.73
OD1 OCS B 152 7.27 -3.88 6.46
OD2 OCS B 152 9.23 -4.53 7.85
OD3 OCS B 152 6.99 -5.46 8.30
N TRP B 153 10.58 -2.30 8.99
CA TRP B 153 11.87 -2.39 9.69
C TRP B 153 12.38 -0.99 10.06
N THR B 154 12.13 0.01 9.19
CA THR B 154 12.53 1.38 9.51
C THR B 154 11.63 1.98 10.58
N PHE B 155 10.33 1.73 10.49
CA PHE B 155 9.41 2.21 11.52
C PHE B 155 9.72 1.59 12.87
N SER B 156 9.97 0.28 12.90
CA SER B 156 10.29 -0.39 14.16
C SER B 156 11.57 0.16 14.76
N ALA B 157 12.62 0.32 13.95
CA ALA B 157 13.87 0.86 14.47
C ALA B 157 13.70 2.31 14.91
N VAL B 158 12.99 3.11 14.11
CA VAL B 158 12.76 4.51 14.49
C VAL B 158 11.98 4.59 15.79
N ALA B 159 10.92 3.78 15.93
CA ALA B 159 10.13 3.83 17.14
C ALA B 159 10.97 3.48 18.37
N SER B 160 11.83 2.46 18.24
CA SER B 160 12.65 2.02 19.36
C SER B 160 13.64 3.09 19.77
N ILE B 161 14.19 3.81 18.80
CA ILE B 161 15.14 4.88 19.09
C ILE B 161 14.42 6.10 19.66
N GLU B 162 13.29 6.50 19.05
CA GLU B 162 12.55 7.66 19.55
C GLU B 162 12.25 7.54 21.04
N THR B 163 11.77 6.37 21.47
CA THR B 163 11.45 6.20 22.89
C THR B 163 12.72 6.17 23.74
N LEU B 164 13.79 5.54 23.23
CA LEU B 164 15.05 5.54 23.97
C LEU B 164 15.56 6.95 24.21
N ILE B 165 15.47 7.83 23.21
CA ILE B 165 15.88 9.21 23.37
C ILE B 165 14.98 9.93 24.37
N GLY B 166 13.67 9.62 24.34
CA GLY B 166 12.77 10.21 25.32
C GLY B 166 13.10 9.82 26.74
N ILE B 167 13.35 8.52 26.99
CA ILE B 167 13.65 8.08 28.34
C ILE B 167 14.98 8.65 28.81
N LYS B 168 15.98 8.63 27.94
CA LYS B 168 17.34 8.99 28.34
C LYS B 168 17.56 10.50 28.40
N GLU B 169 16.89 11.28 27.56
CA GLU B 169 17.16 12.71 27.51
C GLU B 169 15.95 13.57 27.84
N ASP B 170 14.79 12.97 28.09
CA ASP B 170 13.55 13.72 28.26
C ASP B 170 13.37 14.68 27.08
N ARG B 171 13.52 14.14 25.88
CA ARG B 171 13.44 14.89 24.64
C ARG B 171 12.67 14.06 23.63
N MET B 172 11.53 14.56 23.17
CA MET B 172 10.72 13.87 22.17
C MET B 172 11.03 14.46 20.80
N ILE B 173 11.59 13.65 19.91
CA ILE B 173 12.04 14.12 18.62
C ILE B 173 11.68 13.08 17.57
N ALA B 174 10.89 13.48 16.58
CA ALA B 174 10.41 12.54 15.57
C ALA B 174 11.51 12.27 14.55
N LEU B 175 11.80 10.99 14.31
CA LEU B 175 12.93 10.58 13.49
C LEU B 175 12.46 10.09 12.13
N SER B 176 13.41 9.98 11.20
CA SER B 176 13.12 9.77 9.77
C SER B 176 13.21 8.29 9.41
N GLU B 177 12.06 7.67 9.15
CA GLU B 177 12.07 6.35 8.52
C GLU B 177 12.69 6.43 7.13
N GLN B 178 12.45 7.53 6.42
CA GLN B 178 12.85 7.61 5.02
C GLN B 178 14.37 7.49 4.87
N GLU B 179 15.12 8.08 5.81
CA GLU B 179 16.58 7.98 5.72
C GLU B 179 17.01 6.52 5.78
N LEU B 180 16.47 5.76 6.74
CA LEU B 180 16.81 4.34 6.83
C LEU B 180 16.40 3.62 5.56
N LEU B 181 15.20 3.89 5.06
CA LEU B 181 14.69 3.21 3.88
C LEU B 181 15.61 3.39 2.69
N ASP B 182 16.11 4.60 2.49
CA ASP B 182 16.89 4.95 1.32
C ASP B 182 18.38 4.63 1.46
N CYS B 183 18.91 4.72 2.67
CA CYS B 183 20.36 4.78 2.87
C CYS B 183 20.96 3.54 3.52
N GLU B 184 20.18 2.80 4.30
CA GLU B 184 20.70 1.60 4.95
C GLU B 184 20.94 0.52 3.90
N ARG B 185 22.20 0.13 3.72
CA ARG B 185 22.62 -0.61 2.55
C ARG B 185 22.56 -2.13 2.70
N THR B 186 22.24 -2.66 3.87
CA THR B 186 22.06 -4.11 3.98
C THR B 186 20.63 -4.56 3.71
N SER B 187 19.68 -3.63 3.69
CA SER B 187 18.27 -3.95 3.57
C SER B 187 17.82 -3.83 2.12
N TYR B 188 16.53 -4.07 1.90
CA TYR B 188 15.96 -4.19 0.57
C TYR B 188 14.90 -3.12 0.30
N GLY B 189 15.01 -1.98 0.95
CA GLY B 189 14.09 -0.88 0.68
C GLY B 189 12.67 -1.25 0.99
N CYS B 190 11.76 -1.00 0.04
CA CYS B 190 10.36 -1.37 0.24
C CYS B 190 10.11 -2.84 0.18
N LYS B 191 11.10 -3.72 0.08
CA LYS B 191 10.83 -5.15 0.12
C LYS B 191 11.35 -5.81 1.39
N GLY B 192 11.57 -5.04 2.45
CA GLY B 192 11.93 -5.58 3.75
C GLY B 192 13.35 -5.21 4.17
N GLY B 193 13.66 -5.48 5.42
CA GLY B 193 14.94 -5.04 5.93
C GLY B 193 15.17 -5.45 7.37
N TYR B 194 16.22 -4.86 7.94
CA TYR B 194 16.82 -5.28 9.21
C TYR B 194 16.87 -4.09 10.16
N TYR B 195 16.09 -4.13 11.24
CA TYR B 195 16.21 -3.07 12.25
C TYR B 195 17.50 -3.20 13.04
N THR B 196 18.08 -4.40 13.14
CA THR B 196 19.36 -4.53 13.81
C THR B 196 20.44 -3.78 13.04
N ASP B 197 20.48 -3.97 11.72
CA ASP B 197 21.42 -3.22 10.90
C ASP B 197 21.05 -1.75 10.85
N ALA B 198 19.76 -1.42 10.98
CA ALA B 198 19.35 -0.03 11.12
C ALA B 198 19.90 0.59 12.40
N PHE B 199 19.90 -0.15 13.50
CA PHE B 199 20.53 0.34 14.72
C PHE B 199 22.01 0.60 14.53
N ALA B 200 22.71 -0.32 13.85
CA ALA B 200 24.13 -0.13 13.58
C ALA B 200 24.36 1.09 12.70
N TYR B 201 23.47 1.30 11.72
CA TYR B 201 23.56 2.46 10.84
C TYR B 201 23.45 3.76 11.62
N VAL B 202 22.44 3.86 12.50
CA VAL B 202 22.29 5.09 13.28
C VAL B 202 23.46 5.26 14.23
N ALA B 203 24.01 4.15 14.74
CA ALA B 203 25.18 4.25 15.61
C ALA B 203 26.39 4.78 14.87
N LYS B 204 26.53 4.44 13.58
CA LYS B 204 27.71 4.83 12.83
C LYS B 204 27.59 6.19 12.17
N LYS B 205 26.40 6.56 11.72
CA LYS B 205 26.19 7.72 10.85
C LYS B 205 25.22 8.75 11.42
N GLY B 206 24.53 8.44 12.52
CA GLY B 206 23.49 9.34 12.99
C GLY B 206 22.23 9.28 12.15
N LEU B 207 21.18 9.98 12.59
CA LEU B 207 19.88 9.94 11.93
C LEU B 207 19.23 11.32 12.00
N THR B 208 18.59 11.74 10.91
CA THR B 208 17.98 13.06 10.89
C THR B 208 16.52 12.97 11.35
N SER B 209 15.87 14.13 11.43
CA SER B 209 14.52 14.22 11.95
C SER B 209 13.48 13.84 10.91
N ARG B 210 12.29 13.47 11.39
CA ARG B 210 11.18 13.19 10.50
C ARG B 210 10.80 14.43 9.69
N GLU B 211 10.85 15.60 10.33
CA GLU B 211 10.46 16.83 9.66
C GLU B 211 11.42 17.18 8.52
N LYS B 212 12.70 16.86 8.68
CA LYS B 212 13.68 17.18 7.64
C LYS B 212 13.69 16.18 6.48
N TYR B 213 13.21 14.96 6.69
CA TYR B 213 13.34 13.89 5.71
C TYR B 213 12.08 13.04 5.80
N PRO B 214 10.95 13.56 5.32
CA PRO B 214 9.68 12.91 5.59
C PRO B 214 9.51 11.63 4.79
N TYR B 215 8.61 10.78 5.31
CA TYR B 215 8.31 9.51 4.67
C TYR B 215 7.44 9.76 3.44
N ILE B 216 7.87 9.21 2.30
CA ILE B 216 7.15 9.39 1.04
C ILE B 216 6.57 8.09 0.53
N PHE B 217 6.53 7.05 1.36
CA PHE B 217 5.81 5.81 1.08
C PHE B 217 6.45 4.98 -0.03
N GLN B 218 7.71 5.27 -0.37
CA GLN B 218 8.48 4.47 -1.31
C GLN B 218 9.94 4.85 -1.13
N GLN B 219 10.82 3.99 -1.63
CA GLN B 219 12.24 4.29 -1.58
C GLN B 219 12.59 5.34 -2.62
N GLY B 220 13.51 6.24 -2.25
CA GLY B 220 14.03 7.22 -3.17
C GLY B 220 15.53 7.34 -3.08
N GLN B 221 16.07 8.41 -3.65
CA GLN B 221 17.50 8.71 -3.57
C GLN B 221 17.91 8.86 -2.10
N CYS B 222 19.07 8.30 -1.74
CA CYS B 222 19.54 8.44 -0.37
C CYS B 222 20.04 9.85 -0.13
N TYR B 223 19.44 10.54 0.84
CA TYR B 223 19.81 11.90 1.19
C TYR B 223 20.50 11.93 2.55
N GLN B 224 21.61 12.67 2.63
CA GLN B 224 22.34 12.87 3.88
C GLN B 224 22.12 14.29 4.36
N LYS B 225 21.17 14.48 5.27
CA LYS B 225 20.86 15.77 5.83
C LYS B 225 21.51 15.91 7.21
N GLU B 226 21.26 17.05 7.85
CA GLU B 226 21.73 17.27 9.22
C GLU B 226 21.15 16.23 10.16
N LYS B 227 22.02 15.50 10.86
CA LYS B 227 21.58 14.47 11.77
C LYS B 227 21.19 15.06 13.12
N VAL B 228 20.19 14.47 13.75
CA VAL B 228 19.71 14.97 15.04
C VAL B 228 20.01 14.03 16.20
N VAL B 229 20.21 12.74 15.95
CA VAL B 229 20.47 11.79 17.03
C VAL B 229 21.42 10.71 16.56
N LYS B 230 22.16 10.16 17.50
CA LYS B 230 22.93 8.95 17.30
C LYS B 230 22.52 7.96 18.39
N ILE B 231 23.05 6.75 18.30
CA ILE B 231 23.07 5.79 19.41
C ILE B 231 24.45 5.17 19.43
N SER B 232 24.77 4.47 20.51
CA SER B 232 26.09 3.85 20.62
C SER B 232 26.12 2.43 20.09
N GLY B 233 24.98 1.74 20.06
CA GLY B 233 24.94 0.37 19.56
C GLY B 233 23.58 -0.23 19.79
N TYR B 234 23.55 -1.56 19.88
CA TYR B 234 22.29 -2.26 20.09
C TYR B 234 22.60 -3.65 20.62
N ARG B 235 21.55 -4.31 21.13
CA ARG B 235 21.69 -5.66 21.64
C ARG B 235 20.55 -6.53 21.12
N ARG B 236 20.80 -7.84 21.09
CA ARG B 236 19.84 -8.86 20.66
C ARG B 236 19.45 -9.73 21.84
N ILE B 237 18.15 -9.99 21.95
CA ILE B 237 17.60 -10.85 22.99
C ILE B 237 17.62 -12.29 22.49
N PRO B 238 18.08 -13.25 23.29
CA PRO B 238 18.14 -14.63 22.81
C PRO B 238 16.78 -15.10 22.33
N LYS B 239 16.78 -15.87 21.24
CA LYS B 239 15.54 -16.34 20.64
C LYS B 239 14.74 -17.16 21.65
N ASN B 240 13.43 -16.90 21.72
CA ASN B 240 12.45 -17.54 22.62
C ASN B 240 12.51 -17.06 24.06
N ASP B 241 13.25 -16.00 24.39
CA ASP B 241 13.45 -15.62 25.79
C ASP B 241 12.55 -14.45 26.15
N GLU B 242 11.30 -14.77 26.50
CA GLU B 242 10.37 -13.72 26.90
C GLU B 242 10.68 -13.15 28.27
N LYS B 243 11.39 -13.89 29.12
CA LYS B 243 11.81 -13.36 30.41
C LYS B 243 12.79 -12.21 30.22
N LYS B 244 13.82 -12.42 29.41
CA LYS B 244 14.73 -11.33 29.11
C LYS B 244 14.01 -10.22 28.36
N LEU B 245 13.07 -10.58 27.49
CA LEU B 245 12.23 -9.59 26.84
C LEU B 245 11.47 -8.74 27.86
N GLN B 246 10.85 -9.40 28.83
CA GLN B 246 10.05 -8.66 29.83
C GLN B 246 10.93 -7.72 30.64
N SER B 247 12.14 -8.15 31.00
CA SER B 247 13.03 -7.28 31.75
C SER B 247 13.45 -6.06 30.94
N VAL B 248 13.62 -6.23 29.63
CA VAL B 248 14.06 -5.09 28.81
C VAL B 248 12.89 -4.18 28.50
N VAL B 249 11.72 -4.74 28.20
CA VAL B 249 10.53 -3.93 27.95
C VAL B 249 10.21 -3.08 29.17
N ALA B 250 10.50 -3.60 30.37
CA ALA B 250 10.31 -2.80 31.56
C ALA B 250 11.23 -1.58 31.59
N GLN B 251 12.25 -1.54 30.74
CA GLN B 251 13.20 -0.43 30.74
C GLN B 251 13.09 0.46 29.52
N GLN B 252 12.62 -0.07 28.39
CA GLN B 252 12.57 0.69 27.15
C GLN B 252 11.68 -0.05 26.15
N VAL B 253 11.53 0.54 24.97
CA VAL B 253 10.77 -0.05 23.87
C VAL B 253 11.70 -0.94 23.06
N VAL B 254 11.17 -2.09 22.62
CA VAL B 254 11.94 -3.14 21.96
C VAL B 254 11.39 -3.36 20.57
N SER B 255 12.29 -3.59 19.61
CA SER B 255 11.91 -3.97 18.25
C SER B 255 11.83 -5.49 18.15
N VAL B 256 10.74 -5.99 17.56
CA VAL B 256 10.49 -7.41 17.44
C VAL B 256 9.88 -7.73 16.08
N GLY B 257 9.89 -9.01 15.72
CA GLY B 257 9.22 -9.50 14.53
C GLY B 257 8.10 -10.46 14.88
N VAL B 258 7.00 -10.40 14.09
CA VAL B 258 5.84 -11.25 14.30
C VAL B 258 5.42 -11.88 12.97
N LYS B 259 4.56 -12.90 13.06
CA LYS B 259 4.01 -13.59 11.89
C LYS B 259 2.68 -12.96 11.50
N SER B 260 2.74 -11.98 10.60
CA SER B 260 1.59 -11.13 10.28
C SER B 260 0.72 -11.65 9.14
N LYS B 261 1.18 -12.64 8.37
CA LYS B 261 0.50 -12.95 7.12
C LYS B 261 -0.64 -13.93 7.40
N SER B 262 -1.75 -13.39 7.91
CA SER B 262 -2.95 -14.17 8.17
C SER B 262 -4.16 -13.24 8.18
N ARG B 263 -5.32 -13.81 7.84
CA ARG B 263 -6.57 -13.07 7.90
C ARG B 263 -6.86 -12.59 9.31
N ASP B 264 -6.66 -13.47 10.31
CA ASP B 264 -6.92 -13.08 11.69
C ASP B 264 -6.05 -11.90 12.11
N PHE B 265 -4.75 -11.95 11.79
CA PHE B 265 -3.85 -10.88 12.20
C PHE B 265 -4.21 -9.56 11.51
N GLN B 266 -4.56 -9.62 10.22
CA GLN B 266 -4.86 -8.38 9.49
C GLN B 266 -6.16 -7.74 9.95
N HIS B 267 -7.13 -8.52 10.39
CA HIS B 267 -8.45 -7.99 10.72
C HIS B 267 -8.71 -7.91 12.21
N TYR B 268 -7.66 -8.02 13.03
CA TYR B 268 -7.75 -7.78 14.47
C TYR B 268 -8.33 -6.39 14.75
N ARG B 269 -9.19 -6.31 15.76
CA ARG B 269 -9.80 -5.06 16.18
C ARG B 269 -9.59 -4.75 17.65
N SER B 270 -9.73 -5.72 18.53
CA SER B 270 -9.66 -5.45 19.96
C SER B 270 -9.53 -6.76 20.73
N GLY B 271 -9.06 -6.64 21.97
CA GLY B 271 -8.85 -7.77 22.85
C GLY B 271 -7.41 -8.25 22.81
N VAL B 272 -7.12 -9.23 23.66
CA VAL B 272 -5.84 -9.92 23.60
C VAL B 272 -5.95 -10.97 22.50
N PHE B 273 -5.13 -10.80 21.47
CA PHE B 273 -5.24 -11.59 20.23
C PHE B 273 -5.27 -13.08 20.53
N SER B 274 -6.25 -13.78 19.94
CA SER B 274 -6.28 -15.24 20.01
C SER B 274 -6.60 -15.86 18.66
N GLY B 275 -6.24 -15.16 17.57
CA GLY B 275 -6.38 -15.68 16.23
C GLY B 275 -5.12 -16.37 15.72
N ALA B 276 -5.18 -16.77 14.46
CA ALA B 276 -4.07 -17.48 13.83
C ALA B 276 -2.98 -16.52 13.38
N CYS B 277 -1.72 -16.97 13.48
CA CYS B 277 -0.59 -16.18 13.02
C CYS B 277 -0.25 -16.56 11.57
N GLY B 278 0.61 -15.75 10.95
CA GLY B 278 1.16 -16.09 9.67
C GLY B 278 2.09 -17.27 9.75
N PRO B 279 2.53 -17.79 8.59
CA PRO B 279 3.43 -18.96 8.62
C PRO B 279 4.86 -18.62 9.02
N ARG B 280 5.32 -17.39 8.77
CA ARG B 280 6.72 -17.02 9.03
C ARG B 280 6.74 -15.66 9.71
N VAL B 281 7.80 -15.40 10.46
CA VAL B 281 8.04 -14.06 10.98
C VAL B 281 8.39 -13.16 9.80
N ASP B 282 7.55 -12.15 9.55
CA ASP B 282 7.76 -11.34 8.36
C ASP B 282 7.44 -9.86 8.56
N HIS B 283 7.15 -9.42 9.78
CA HIS B 283 6.66 -8.07 10.00
C HIS B 283 7.32 -7.50 11.25
N ALA B 284 8.10 -6.43 11.07
CA ALA B 284 8.79 -5.80 12.18
C ALA B 284 7.85 -4.85 12.91
N VAL B 285 7.77 -4.98 14.23
CA VAL B 285 6.92 -4.15 15.08
C VAL B 285 7.69 -3.80 16.34
N ASN B 286 7.00 -3.23 17.33
CA ASN B 286 7.62 -2.84 18.59
C ASN B 286 6.76 -3.30 19.74
N ILE B 287 7.41 -3.55 20.88
CA ILE B 287 6.74 -3.75 22.15
C ILE B 287 6.90 -2.49 22.97
N VAL B 288 5.78 -1.88 23.37
CA VAL B 288 5.76 -0.65 24.14
C VAL B 288 5.26 -0.88 25.55
N GLY B 289 5.00 -2.12 25.94
CA GLY B 289 4.66 -2.42 27.31
C GLY B 289 4.12 -3.82 27.45
N TYR B 290 3.65 -4.12 28.65
CA TYR B 290 3.01 -5.40 28.93
C TYR B 290 2.01 -5.22 30.05
N GLY B 291 1.03 -6.11 30.10
CA GLY B 291 0.02 -6.05 31.12
C GLY B 291 -0.82 -7.31 31.14
N SER B 292 -2.02 -7.18 31.70
CA SER B 292 -2.91 -8.32 31.85
C SER B 292 -4.35 -7.83 31.94
N GLU B 293 -5.25 -8.46 31.19
CA GLU B 293 -6.68 -8.17 31.25
C GLU B 293 -7.49 -9.46 31.28
N GLY B 294 -8.40 -9.56 32.23
CA GLY B 294 -9.26 -10.73 32.35
C GLY B 294 -8.52 -12.04 32.47
N GLY B 295 -7.37 -12.04 33.14
CA GLY B 295 -6.60 -13.25 33.27
C GLY B 295 -5.77 -13.62 32.06
N VAL B 296 -5.61 -12.71 31.10
CA VAL B 296 -4.73 -12.92 29.96
C VAL B 296 -3.54 -11.98 30.08
N ASN B 297 -2.34 -12.54 30.16
CA ASN B 297 -1.14 -11.70 30.05
C ASN B 297 -0.94 -11.30 28.60
N TYR B 298 -0.44 -10.08 28.39
CA TYR B 298 -0.24 -9.63 27.03
C TYR B 298 0.96 -8.70 26.94
N TRP B 299 1.50 -8.63 25.73
CA TRP B 299 2.42 -7.60 25.31
C TRP B 299 1.64 -6.52 24.57
N ILE B 300 2.06 -5.27 24.71
CA ILE B 300 1.46 -4.18 23.95
C ILE B 300 2.34 -3.95 22.73
N VAL B 301 1.76 -4.16 21.54
CA VAL B 301 2.51 -4.16 20.27
C VAL B 301 2.13 -2.95 19.43
N ARG B 302 3.12 -2.18 19.02
CA ARG B 302 2.95 -1.05 18.11
C ARG B 302 3.17 -1.50 16.67
N ASN B 303 2.18 -1.23 15.81
CA ASN B 303 2.29 -1.54 14.38
C ASN B 303 2.38 -0.23 13.60
N SER B 304 2.69 -0.35 12.31
CA SER B 304 2.75 0.80 11.39
C SER B 304 1.73 0.66 10.27
N TRP B 305 0.54 0.18 10.60
CA TRP B 305 -0.55 0.05 9.65
C TRP B 305 -1.62 1.14 9.85
N GLY B 306 -1.25 2.23 10.53
CA GLY B 306 -2.20 3.29 10.82
C GLY B 306 -3.11 2.95 11.98
N THR B 307 -3.97 3.91 12.32
CA THR B 307 -4.84 3.77 13.47
C THR B 307 -6.14 3.01 13.16
N ASN B 308 -6.41 2.68 11.90
CA ASN B 308 -7.61 1.92 11.55
C ASN B 308 -7.45 0.42 11.79
N TRP B 309 -6.27 -0.03 12.18
CA TRP B 309 -6.03 -1.43 12.51
C TRP B 309 -5.93 -1.61 14.02
N GLY B 310 -6.52 -2.69 14.53
CA GLY B 310 -6.34 -3.03 15.94
C GLY B 310 -6.87 -1.95 16.89
N GLU B 311 -6.22 -1.86 18.04
CA GLU B 311 -6.61 -0.89 19.06
C GLU B 311 -5.87 0.41 18.80
N ASN B 312 -6.45 1.24 17.93
CA ASN B 312 -5.88 2.53 17.52
C ASN B 312 -4.45 2.35 16.99
N GLY B 313 -4.25 1.28 16.23
CA GLY B 313 -2.96 0.99 15.65
C GLY B 313 -2.15 -0.04 16.40
N TYR B 314 -2.62 -0.48 17.56
CA TYR B 314 -1.89 -1.39 18.43
C TYR B 314 -2.59 -2.74 18.50
N MET B 315 -1.84 -3.76 18.92
CA MET B 315 -2.39 -5.07 19.20
C MET B 315 -1.90 -5.56 20.55
N ARG B 316 -2.78 -6.18 21.32
CA ARG B 316 -2.39 -6.89 22.53
C ARG B 316 -2.20 -8.36 22.18
N ILE B 317 -0.95 -8.80 22.19
CA ILE B 317 -0.57 -10.18 21.86
C ILE B 317 -0.31 -10.93 23.15
N PRO B 318 -0.74 -12.18 23.26
CA PRO B 318 -0.46 -12.97 24.46
C PRO B 318 1.02 -12.95 24.84
N ARG B 319 1.25 -12.88 26.15
CA ARG B 319 2.59 -12.86 26.71
C ARG B 319 2.82 -14.18 27.45
N ASN B 320 4.04 -14.70 27.35
CA ASN B 320 4.37 -16.04 27.83
C ASN B 320 3.51 -17.11 27.17
N SER B 324 6.44 -21.86 21.11
CA SER B 324 7.90 -21.87 21.04
C SER B 324 8.40 -20.64 20.29
N GLY B 325 8.76 -19.60 21.01
CA GLY B 325 9.11 -18.32 20.40
C GLY B 325 8.16 -17.20 20.70
N GLY B 326 7.17 -17.42 21.56
CA GLY B 326 6.13 -16.44 21.83
C GLY B 326 4.99 -16.51 20.83
N TYR B 327 3.84 -16.01 21.25
CA TYR B 327 2.69 -15.91 20.37
C TYR B 327 3.06 -15.14 19.10
N CYS B 328 2.73 -15.73 17.95
CA CYS B 328 3.10 -15.19 16.63
C CYS B 328 4.61 -14.88 16.56
N GLY B 329 5.41 -15.67 17.27
CA GLY B 329 6.85 -15.56 17.19
C GLY B 329 7.44 -14.30 17.76
N ILE B 330 6.73 -13.62 18.67
CA ILE B 330 7.14 -12.30 19.13
C ILE B 330 8.49 -12.31 19.83
N ALA B 331 8.92 -13.45 20.36
CA ALA B 331 10.16 -13.52 21.10
C ALA B 331 11.31 -14.11 20.29
N VAL B 332 11.14 -14.23 18.97
CA VAL B 332 12.14 -14.93 18.16
C VAL B 332 13.35 -14.04 17.87
N GLN B 333 13.14 -12.76 17.56
CA GLN B 333 14.22 -11.92 17.04
C GLN B 333 14.16 -10.51 17.62
N ALA B 334 14.02 -10.43 18.94
CA ALA B 334 13.92 -9.14 19.61
C ALA B 334 15.27 -8.47 19.71
N ALA B 335 15.29 -7.15 19.48
CA ALA B 335 16.52 -6.37 19.55
C ALA B 335 16.16 -4.95 19.94
N TYR B 336 17.11 -4.27 20.58
CA TYR B 336 16.82 -2.94 21.13
C TYR B 336 18.07 -2.08 21.07
N PRO B 337 17.90 -0.77 20.93
CA PRO B 337 19.07 0.11 20.82
C PRO B 337 19.70 0.40 22.17
N VAL B 338 21.00 0.66 22.15
CA VAL B 338 21.74 1.06 23.34
C VAL B 338 22.14 2.52 23.14
N TYR B 339 21.75 3.36 24.09
CA TYR B 339 21.95 4.81 24.02
C TYR B 339 23.43 5.15 23.89
#